data_1BBU
#
_entry.id   1BBU
#
_cell.length_a   181.820
_cell.length_b   181.820
_cell.length_c   93.070
_cell.angle_alpha   90.00
_cell.angle_beta   90.00
_cell.angle_gamma   120.00
#
_symmetry.space_group_name_H-M   'P 61 2 2'
#
loop_
_entity.id
_entity.type
_entity.pdbx_description
1 polymer 'PROTEIN (LYSYL-TRNA SYNTHETASE)'
2 non-polymer LYSINE
3 water water
#
_entity_poly.entity_id   1
_entity_poly.type   'polypeptide(L)'
_entity_poly.pdbx_seq_one_letter_code
;SEQHAQGADAVVDLNNELKTRREKLANLREQGIAFPNDFRRDHTSDQLHAEFDGKENEELEALNIEVAVAGRMMTRRIMG
KASFVTLQDVGGRIQLYVARDDLPEGVYNEQFKKWDLGDILGAKGKLFKTKTGELSIHCTELRLLTKALRPLPDKFHGLQ
DQEARYRQRYLDLISNDESRNTFKVRSQILSGIRQFMVNRGFMEVETPMMQVIPGGAAARPFITHHNALDLDMYLRIAPE
LYLKRLVVGGFERVFEINRNFRNEGISVRHNPEFTMMELYMAYADYKDLIELTESLFRTLAQDILGKTEVTYGDVTLDFG
KPFEKLTMREAIKKYRPETDMADLDNFDSAKAIAESIGIHVEKSWGLGRIVTEIFEEVAEAHLIQPTFITEYPAEVSPLA
RRNDVNPEITDRFEFFIGGREIGNGFSELNDAEDQAQRFLDQVAAKDAGDDEAMFYDEDYVTALEHGLPPTAGLGIGIDR
MVMLFTNSHTIRDVILFPAMRPVK
;
_entity_poly.pdbx_strand_id   A
#
# COMPACT_ATOMS: atom_id res chain seq x y z
N VAL A 11 -5.65 -32.86 -9.75
CA VAL A 11 -6.87 -33.35 -10.40
C VAL A 11 -7.75 -34.03 -9.32
N VAL A 12 -7.59 -35.34 -9.14
CA VAL A 12 -8.28 -36.07 -8.07
C VAL A 12 -7.31 -36.28 -6.89
N ASP A 13 -6.03 -35.98 -7.13
CA ASP A 13 -4.98 -36.05 -6.10
C ASP A 13 -5.43 -35.35 -4.84
N LEU A 14 -6.09 -34.21 -5.03
CA LEU A 14 -6.59 -33.37 -3.94
C LEU A 14 -7.58 -34.04 -3.05
N ASN A 15 -8.63 -34.63 -3.59
CA ASN A 15 -9.62 -35.23 -2.73
C ASN A 15 -9.10 -36.45 -1.96
N ASN A 16 -8.04 -37.05 -2.50
CA ASN A 16 -7.42 -38.16 -1.77
C ASN A 16 -6.60 -37.60 -0.60
N GLU A 17 -5.83 -36.57 -0.90
CA GLU A 17 -5.09 -35.81 0.10
C GLU A 17 -6.00 -35.36 1.24
N LEU A 18 -7.17 -34.86 0.89
CA LEU A 18 -8.13 -34.40 1.90
C LEU A 18 -8.56 -35.57 2.76
N LYS A 19 -9.06 -36.62 2.12
CA LYS A 19 -9.59 -37.77 2.84
C LYS A 19 -8.52 -38.45 3.69
N THR A 20 -7.26 -38.37 3.28
CA THR A 20 -6.17 -38.98 4.06
C THR A 20 -5.88 -38.13 5.30
N ARG A 21 -5.63 -36.84 5.07
CA ARG A 21 -5.38 -35.87 6.13
C ARG A 21 -6.57 -35.85 7.10
N ARG A 22 -7.78 -36.06 6.58
CA ARG A 22 -8.98 -36.16 7.41
C ARG A 22 -8.80 -37.29 8.42
N GLU A 23 -8.66 -38.51 7.92
CA GLU A 23 -8.61 -39.69 8.78
C GLU A 23 -7.46 -39.63 9.76
N LYS A 24 -6.32 -39.11 9.32
CA LYS A 24 -5.17 -38.95 10.21
C LYS A 24 -5.49 -38.11 11.46
N LEU A 25 -6.30 -37.07 11.31
CA LEU A 25 -6.73 -36.22 12.43
C LEU A 25 -7.67 -36.97 13.37
N ALA A 26 -8.71 -37.60 12.85
CA ALA A 26 -9.63 -38.37 13.70
C ALA A 26 -8.88 -39.38 14.59
N ASN A 27 -7.71 -39.84 14.13
CA ASN A 27 -6.86 -40.77 14.87
C ASN A 27 -6.09 -40.02 15.95
N LEU A 28 -5.57 -38.86 15.58
CA LEU A 28 -4.83 -38.01 16.51
C LEU A 28 -5.69 -37.64 17.70
N ARG A 29 -6.98 -37.43 17.45
CA ARG A 29 -7.93 -37.06 18.50
C ARG A 29 -8.10 -38.19 19.49
N GLU A 30 -8.19 -39.43 19.00
CA GLU A 30 -8.31 -40.58 19.89
C GLU A 30 -7.07 -40.73 20.78
N GLN A 31 -5.90 -40.36 20.27
CA GLN A 31 -4.66 -40.49 21.02
C GLN A 31 -4.47 -39.43 22.12
N GLY A 32 -5.16 -38.31 21.96
CA GLY A 32 -4.99 -37.24 22.93
C GLY A 32 -5.44 -35.87 22.45
N ILE A 33 -4.59 -34.88 22.67
CA ILE A 33 -4.93 -33.51 22.32
C ILE A 33 -4.31 -33.19 20.98
N ALA A 34 -5.15 -33.17 19.95
CA ALA A 34 -4.70 -32.94 18.58
C ALA A 34 -4.05 -31.58 18.31
N PHE A 35 -4.56 -30.52 18.94
CA PHE A 35 -4.00 -29.20 18.71
C PHE A 35 -3.33 -28.62 19.93
N PRO A 36 -2.10 -29.06 20.22
CA PRO A 36 -1.34 -28.57 21.38
C PRO A 36 -0.88 -27.13 21.22
N ASN A 37 -0.83 -26.40 22.33
CA ASN A 37 -0.33 -25.03 22.34
C ASN A 37 0.57 -24.84 23.54
N ASP A 38 1.59 -25.69 23.62
CA ASP A 38 2.52 -25.59 24.73
C ASP A 38 3.96 -25.59 24.26
N PHE A 39 4.17 -25.91 22.99
CA PHE A 39 5.52 -25.88 22.45
C PHE A 39 5.95 -24.43 22.42
N ARG A 40 7.21 -24.18 22.76
CA ARG A 40 7.74 -22.83 22.73
C ARG A 40 9.10 -22.87 22.03
N ARG A 41 9.24 -22.09 20.97
CA ARG A 41 10.50 -22.02 20.22
C ARG A 41 11.36 -20.95 20.86
N ASP A 42 12.52 -20.66 20.27
CA ASP A 42 13.33 -19.57 20.78
C ASP A 42 14.24 -18.97 19.74
N HIS A 43 14.03 -19.35 18.48
CA HIS A 43 14.80 -18.81 17.36
C HIS A 43 13.99 -18.85 16.09
N THR A 44 14.27 -17.91 15.18
CA THR A 44 13.70 -17.96 13.86
C THR A 44 14.86 -18.14 12.86
N SER A 45 14.56 -18.81 11.75
CA SER A 45 15.53 -19.09 10.71
C SER A 45 16.47 -17.91 10.43
N ASP A 46 15.91 -16.75 10.12
CA ASP A 46 16.69 -15.55 9.83
C ASP A 46 17.73 -15.23 10.90
N GLN A 47 17.37 -15.41 12.17
CA GLN A 47 18.27 -15.16 13.30
C GLN A 47 19.37 -16.19 13.27
N LEU A 48 18.97 -17.45 13.16
CA LEU A 48 19.91 -18.57 13.09
C LEU A 48 20.91 -18.39 11.93
N HIS A 49 20.39 -18.12 10.74
CA HIS A 49 21.21 -17.90 9.57
C HIS A 49 22.11 -16.70 9.78
N ALA A 50 21.53 -15.59 10.21
CA ALA A 50 22.27 -14.36 10.45
C ALA A 50 23.48 -14.56 11.36
N GLU A 51 23.28 -15.21 12.49
CA GLU A 51 24.34 -15.36 13.48
C GLU A 51 25.25 -16.57 13.28
N PHE A 52 24.78 -17.59 12.55
CA PHE A 52 25.55 -18.82 12.43
C PHE A 52 26.05 -19.26 11.04
N ASP A 53 25.59 -18.60 9.98
CA ASP A 53 26.07 -18.93 8.62
C ASP A 53 27.54 -18.55 8.38
N GLY A 54 28.15 -17.88 9.35
CA GLY A 54 29.54 -17.51 9.23
C GLY A 54 30.47 -18.45 9.98
N LYS A 55 29.91 -19.56 10.50
CA LYS A 55 30.70 -20.52 11.27
C LYS A 55 30.84 -21.88 10.57
N GLU A 56 31.94 -22.58 10.85
CA GLU A 56 32.22 -23.90 10.26
C GLU A 56 31.82 -25.02 11.22
N ASN A 57 31.83 -26.26 10.73
CA ASN A 57 31.40 -27.42 11.50
C ASN A 57 32.31 -27.86 12.66
N GLU A 58 33.60 -27.55 12.58
CA GLU A 58 34.54 -27.87 13.67
C GLU A 58 34.18 -27.02 14.90
N GLU A 59 33.79 -25.77 14.66
CA GLU A 59 33.32 -24.87 15.71
C GLU A 59 32.05 -25.44 16.33
N LEU A 60 30.98 -25.45 15.54
CA LEU A 60 29.64 -25.86 15.97
C LEU A 60 29.60 -27.13 16.83
N GLU A 61 30.26 -28.21 16.38
CA GLU A 61 30.29 -29.46 17.14
C GLU A 61 30.76 -29.24 18.57
N ALA A 62 31.80 -28.40 18.72
CA ALA A 62 32.36 -28.08 20.03
C ALA A 62 31.53 -27.06 20.81
N LEU A 63 31.01 -26.03 20.12
CA LEU A 63 30.19 -25.00 20.78
C LEU A 63 28.96 -25.61 21.46
N ASN A 64 28.35 -26.58 20.79
CA ASN A 64 27.20 -27.31 21.30
C ASN A 64 26.01 -26.38 21.65
N ILE A 65 25.62 -25.52 20.71
CA ILE A 65 24.49 -24.60 20.89
C ILE A 65 23.19 -25.28 20.50
N GLU A 66 22.31 -25.51 21.46
CA GLU A 66 21.00 -26.13 21.19
C GLU A 66 19.91 -25.06 20.95
N VAL A 67 18.94 -25.39 20.11
CA VAL A 67 17.87 -24.46 19.82
C VAL A 67 16.54 -25.17 19.71
N ALA A 68 15.47 -24.37 19.62
CA ALA A 68 14.12 -24.88 19.42
C ALA A 68 13.48 -23.93 18.41
N VAL A 69 12.81 -24.49 17.42
CA VAL A 69 12.18 -23.72 16.36
C VAL A 69 10.86 -24.38 15.99
N ALA A 70 10.00 -23.63 15.33
CA ALA A 70 8.74 -24.17 14.85
C ALA A 70 8.42 -23.54 13.50
N GLY A 71 7.70 -24.28 12.67
CA GLY A 71 7.38 -23.79 11.35
C GLY A 71 6.55 -24.77 10.56
N ARG A 72 6.42 -24.48 9.26
CA ARG A 72 5.66 -25.35 8.38
C ARG A 72 6.62 -26.27 7.63
N MET A 73 6.27 -27.56 7.59
CA MET A 73 7.07 -28.54 6.84
C MET A 73 6.83 -28.34 5.37
N MET A 74 7.85 -27.82 4.70
CA MET A 74 7.78 -27.47 3.30
C MET A 74 8.15 -28.64 2.38
N THR A 75 9.26 -29.29 2.73
CA THR A 75 9.82 -30.38 1.93
C THR A 75 10.48 -31.42 2.83
N ARG A 76 10.22 -32.69 2.55
CA ARG A 76 10.74 -33.80 3.35
C ARG A 76 11.32 -34.93 2.48
N ARG A 77 12.65 -35.09 2.52
CA ARG A 77 13.33 -36.19 1.80
C ARG A 77 13.57 -37.37 2.74
N ILE A 78 12.68 -38.37 2.67
CA ILE A 78 12.79 -39.56 3.53
C ILE A 78 13.88 -40.53 3.06
N MET A 79 14.90 -40.74 3.88
CA MET A 79 15.99 -41.65 3.57
C MET A 79 16.02 -42.87 4.52
N GLY A 80 14.89 -43.57 4.62
CA GLY A 80 14.82 -44.74 5.48
C GLY A 80 14.81 -44.50 6.99
N LYS A 81 15.98 -44.62 7.63
CA LYS A 81 16.09 -44.44 9.08
C LYS A 81 16.57 -43.03 9.48
N ALA A 82 16.59 -42.14 8.50
CA ALA A 82 16.94 -40.75 8.72
C ALA A 82 16.24 -39.95 7.64
N SER A 83 15.97 -38.68 7.91
CA SER A 83 15.32 -37.82 6.95
C SER A 83 15.79 -36.39 7.03
N PHE A 84 15.42 -35.62 6.02
CA PHE A 84 15.71 -34.20 6.03
C PHE A 84 14.39 -33.48 5.78
N VAL A 85 14.12 -32.48 6.61
CA VAL A 85 12.92 -31.66 6.44
C VAL A 85 13.34 -30.19 6.37
N THR A 86 12.64 -29.45 5.52
CA THR A 86 12.82 -28.01 5.41
C THR A 86 11.62 -27.38 6.14
N LEU A 87 11.95 -26.52 7.11
CA LEU A 87 10.96 -25.88 7.98
C LEU A 87 10.91 -24.38 7.66
N GLN A 88 9.70 -23.86 7.43
CA GLN A 88 9.56 -22.45 7.10
C GLN A 88 8.74 -21.65 8.13
N ASP A 89 9.40 -20.67 8.74
CA ASP A 89 8.79 -19.80 9.74
C ASP A 89 8.74 -18.36 9.22
N VAL A 90 8.26 -17.44 10.06
CA VAL A 90 8.11 -16.02 9.69
C VAL A 90 9.32 -15.42 8.98
N GLY A 91 10.52 -15.86 9.35
CA GLY A 91 11.73 -15.32 8.75
C GLY A 91 12.55 -16.22 7.84
N GLY A 92 11.92 -17.22 7.22
CA GLY A 92 12.65 -18.07 6.29
C GLY A 92 12.51 -19.58 6.49
N ARG A 93 13.46 -20.32 5.92
CA ARG A 93 13.44 -21.77 6.00
C ARG A 93 14.70 -22.21 6.73
N ILE A 94 14.61 -23.32 7.45
CA ILE A 94 15.76 -23.89 8.15
C ILE A 94 15.72 -25.43 8.05
N GLN A 95 16.90 -26.05 7.94
CA GLN A 95 17.05 -27.49 7.77
C GLN A 95 16.98 -28.29 9.07
N LEU A 96 16.35 -29.46 8.99
CA LEU A 96 16.25 -30.34 10.15
C LEU A 96 16.75 -31.73 9.80
N TYR A 97 17.66 -32.26 10.61
CA TYR A 97 18.08 -33.64 10.43
C TYR A 97 17.28 -34.52 11.39
N VAL A 98 16.33 -35.30 10.87
CA VAL A 98 15.42 -36.14 11.66
C VAL A 98 15.84 -37.63 11.71
N ALA A 99 16.51 -38.05 12.78
CA ALA A 99 17.03 -39.41 12.88
C ALA A 99 16.28 -40.29 13.85
N ARG A 100 15.77 -41.40 13.34
CA ARG A 100 14.97 -42.36 14.11
C ARG A 100 15.48 -42.71 15.51
N ASP A 101 16.81 -42.80 15.66
CA ASP A 101 17.40 -43.20 16.93
C ASP A 101 17.75 -42.01 17.81
N ASP A 102 17.85 -40.83 17.21
CA ASP A 102 18.17 -39.60 17.94
C ASP A 102 16.93 -38.86 18.46
N LEU A 103 15.77 -39.44 18.19
CA LEU A 103 14.51 -38.94 18.72
C LEU A 103 13.99 -40.00 19.69
N PRO A 104 12.99 -39.63 20.52
CA PRO A 104 12.42 -40.62 21.44
C PRO A 104 11.86 -41.84 20.69
N GLU A 105 11.78 -42.96 21.40
CA GLU A 105 11.33 -44.20 20.81
C GLU A 105 9.93 -44.14 20.21
N GLY A 106 9.81 -44.45 18.92
CA GLY A 106 8.52 -44.55 18.26
C GLY A 106 8.07 -43.34 17.48
N VAL A 107 8.61 -42.18 17.84
CA VAL A 107 8.25 -40.91 17.24
C VAL A 107 8.48 -40.88 15.73
N TYR A 108 9.70 -41.21 15.32
CA TYR A 108 10.08 -41.20 13.90
C TYR A 108 9.25 -42.16 13.04
N ASN A 109 8.99 -43.35 13.56
CA ASN A 109 8.23 -44.36 12.83
C ASN A 109 6.72 -44.20 12.95
N GLU A 110 6.19 -44.34 14.17
CA GLU A 110 4.74 -44.27 14.40
C GLU A 110 4.13 -42.87 14.19
N GLN A 111 4.96 -41.84 14.20
CA GLN A 111 4.49 -40.46 14.01
C GLN A 111 5.10 -39.70 12.84
N PHE A 112 6.35 -39.24 12.99
CA PHE A 112 7.00 -38.43 11.96
C PHE A 112 6.72 -38.80 10.51
N LYS A 113 7.00 -40.06 10.18
CA LYS A 113 6.77 -40.58 8.84
C LYS A 113 5.28 -40.54 8.43
N LYS A 114 4.38 -40.51 9.41
CA LYS A 114 2.96 -40.41 9.11
C LYS A 114 2.44 -38.97 8.93
N TRP A 115 3.26 -37.96 9.26
CA TRP A 115 2.85 -36.54 9.10
C TRP A 115 2.84 -36.19 7.62
N ASP A 116 2.45 -34.95 7.31
CA ASP A 116 2.33 -34.49 5.93
C ASP A 116 3.01 -33.15 5.69
N LEU A 117 3.19 -32.81 4.42
CA LEU A 117 3.74 -31.51 4.05
C LEU A 117 2.60 -30.53 4.32
N GLY A 118 2.97 -29.35 4.83
CA GLY A 118 1.95 -28.39 5.20
C GLY A 118 1.79 -28.33 6.71
N ASP A 119 1.88 -29.48 7.36
CA ASP A 119 1.84 -29.58 8.82
C ASP A 119 2.81 -28.59 9.49
N ILE A 120 2.37 -28.04 10.63
CA ILE A 120 3.21 -27.16 11.44
C ILE A 120 3.85 -28.02 12.50
N LEU A 121 5.15 -27.87 12.68
CA LEU A 121 5.89 -28.70 13.61
C LEU A 121 6.71 -27.86 14.56
N GLY A 122 7.17 -28.51 15.62
CA GLY A 122 8.10 -27.87 16.54
C GLY A 122 9.27 -28.80 16.68
N ALA A 123 10.49 -28.26 16.70
CA ALA A 123 11.70 -29.07 16.79
C ALA A 123 12.74 -28.45 17.71
N LYS A 124 13.55 -29.31 18.32
CA LYS A 124 14.66 -28.88 19.19
C LYS A 124 15.83 -29.83 18.96
N GLY A 125 17.03 -29.26 18.86
CA GLY A 125 18.21 -30.07 18.67
C GLY A 125 19.45 -29.20 18.44
N LYS A 126 20.63 -29.79 18.50
CA LYS A 126 21.90 -29.07 18.30
C LYS A 126 22.20 -28.73 16.83
N LEU A 127 22.85 -27.59 16.61
CA LEU A 127 23.19 -27.08 15.28
C LEU A 127 24.46 -27.71 14.71
N PHE A 128 24.53 -27.75 13.38
CA PHE A 128 25.68 -28.30 12.65
C PHE A 128 25.55 -27.86 11.20
N LYS A 129 26.40 -28.39 10.31
CA LYS A 129 26.32 -28.10 8.89
C LYS A 129 26.44 -29.35 8.03
N THR A 130 25.57 -29.48 7.03
CA THR A 130 25.57 -30.65 6.14
C THR A 130 26.69 -30.59 5.11
N LYS A 131 26.80 -31.65 4.31
CA LYS A 131 27.80 -31.73 3.26
C LYS A 131 27.78 -30.50 2.35
N THR A 132 26.58 -30.01 2.07
CA THR A 132 26.37 -28.88 1.16
C THR A 132 26.80 -27.53 1.73
N GLY A 133 27.10 -27.48 3.02
CA GLY A 133 27.45 -26.22 3.65
C GLY A 133 26.25 -25.51 4.30
N GLU A 134 25.07 -26.11 4.20
CA GLU A 134 23.85 -25.55 4.80
C GLU A 134 23.74 -25.85 6.30
N LEU A 135 23.27 -24.85 7.03
CA LEU A 135 23.09 -24.97 8.49
C LEU A 135 21.84 -25.79 8.80
N SER A 136 21.93 -26.64 9.82
CA SER A 136 20.82 -27.53 10.18
C SER A 136 20.72 -27.83 11.67
N ILE A 137 19.60 -28.44 12.04
CA ILE A 137 19.30 -28.78 13.42
C ILE A 137 19.16 -30.30 13.54
N HIS A 138 20.11 -30.92 14.24
CA HIS A 138 20.05 -32.36 14.47
C HIS A 138 19.06 -32.57 15.62
N CYS A 139 17.82 -32.90 15.27
CA CYS A 139 16.74 -33.01 16.25
C CYS A 139 16.80 -34.08 17.32
N THR A 140 16.57 -33.66 18.56
CA THR A 140 16.43 -34.55 19.69
C THR A 140 14.96 -34.62 20.07
N GLU A 141 14.22 -33.60 19.62
CA GLU A 141 12.78 -33.52 19.87
C GLU A 141 12.15 -32.85 18.66
N LEU A 142 11.02 -33.41 18.22
CA LEU A 142 10.26 -32.91 17.08
C LEU A 142 8.81 -33.38 17.27
N ARG A 143 7.85 -32.47 17.06
CA ARG A 143 6.45 -32.86 17.14
C ARG A 143 5.48 -32.04 16.31
N LEU A 144 4.34 -32.64 16.06
CA LEU A 144 3.26 -32.05 15.29
C LEU A 144 2.48 -31.02 16.14
N LEU A 145 2.40 -29.79 15.66
CA LEU A 145 1.61 -28.77 16.34
C LEU A 145 0.24 -28.62 15.65
N THR A 146 0.22 -28.33 14.36
CA THR A 146 -1.04 -28.24 13.66
C THR A 146 -1.12 -29.11 12.40
N LYS A 147 -2.18 -29.90 12.30
CA LYS A 147 -2.38 -30.78 11.17
C LYS A 147 -2.92 -29.93 10.04
N ALA A 148 -2.26 -29.98 8.89
CA ALA A 148 -2.75 -29.29 7.70
C ALA A 148 -3.74 -30.24 7.00
N LEU A 149 -5.03 -30.03 7.23
CA LEU A 149 -6.09 -30.82 6.61
C LEU A 149 -6.08 -30.68 5.07
N ARG A 150 -5.35 -29.67 4.60
CA ARG A 150 -5.19 -29.39 3.18
C ARG A 150 -3.72 -29.25 2.86
N PRO A 151 -3.34 -29.71 1.65
CA PRO A 151 -1.99 -29.70 1.08
C PRO A 151 -1.55 -28.29 0.75
N LEU A 152 -0.23 -28.09 0.64
CA LEU A 152 0.32 -26.84 0.17
C LEU A 152 -0.29 -26.44 -1.20
N PRO A 153 0.00 -25.22 -1.69
CA PRO A 153 -0.56 -24.82 -2.99
C PRO A 153 0.16 -25.52 -4.17
N ASP A 154 -0.64 -26.01 -5.13
CA ASP A 154 -0.16 -26.78 -6.30
C ASP A 154 1.02 -27.72 -6.04
N ASP A 161 -6.38 -18.30 -12.35
CA ASP A 161 -5.33 -17.47 -12.94
C ASP A 161 -4.26 -17.16 -11.90
N GLN A 162 -3.59 -16.01 -12.04
CA GLN A 162 -2.63 -15.54 -11.03
C GLN A 162 -3.42 -14.77 -9.95
N GLU A 163 -4.75 -14.72 -10.12
CA GLU A 163 -5.67 -14.11 -9.17
C GLU A 163 -5.87 -15.01 -7.95
N ALA A 164 -5.33 -16.23 -8.00
CA ALA A 164 -5.40 -17.14 -6.86
C ALA A 164 -4.60 -16.52 -5.74
N ARG A 165 -3.46 -15.91 -6.10
CA ARG A 165 -2.58 -15.24 -5.15
C ARG A 165 -3.31 -14.12 -4.38
N TYR A 166 -4.45 -13.66 -4.90
CA TYR A 166 -5.20 -12.57 -4.29
C TYR A 166 -6.45 -13.05 -3.56
N ARG A 167 -7.00 -14.20 -3.95
CA ARG A 167 -8.17 -14.77 -3.27
C ARG A 167 -7.77 -15.48 -1.99
N GLN A 168 -6.51 -15.91 -1.93
CA GLN A 168 -5.98 -16.62 -0.78
C GLN A 168 -4.53 -16.23 -0.51
N ARG A 169 -4.36 -14.96 -0.12
CA ARG A 169 -3.04 -14.39 0.13
C ARG A 169 -2.17 -15.17 1.09
N TYR A 170 -2.76 -16.01 1.92
CA TYR A 170 -1.93 -16.79 2.84
C TYR A 170 -1.14 -17.81 2.04
N LEU A 171 -1.81 -18.42 1.05
CA LEU A 171 -1.14 -19.35 0.14
C LEU A 171 0.00 -18.63 -0.54
N ASP A 172 -0.32 -17.51 -1.20
CA ASP A 172 0.73 -16.74 -1.85
C ASP A 172 1.86 -16.39 -0.89
N LEU A 173 1.51 -15.97 0.33
CA LEU A 173 2.54 -15.56 1.29
C LEU A 173 3.44 -16.71 1.69
N ILE A 174 2.88 -17.91 1.81
CA ILE A 174 3.63 -19.11 2.17
C ILE A 174 4.65 -19.45 1.10
N SER A 175 4.21 -19.36 -0.16
CA SER A 175 5.02 -19.66 -1.35
C SER A 175 6.02 -18.57 -1.75
N ASN A 176 5.52 -17.37 -2.01
CA ASN A 176 6.34 -16.32 -2.59
C ASN A 176 7.12 -15.42 -1.63
N ASP A 177 8.43 -15.63 -1.58
CA ASP A 177 9.35 -14.80 -0.77
C ASP A 177 9.26 -13.29 -1.04
N GLU A 178 9.00 -12.93 -2.29
CA GLU A 178 8.94 -11.53 -2.67
C GLU A 178 7.75 -10.81 -2.03
N SER A 179 6.59 -11.45 -1.99
CA SER A 179 5.43 -10.87 -1.35
C SER A 179 5.78 -10.53 0.10
N ARG A 180 6.28 -11.51 0.83
CA ARG A 180 6.64 -11.28 2.23
C ARG A 180 7.71 -10.20 2.40
N ASN A 181 8.54 -10.01 1.38
CA ASN A 181 9.52 -8.94 1.42
C ASN A 181 8.79 -7.61 1.17
N THR A 182 7.93 -7.59 0.16
CA THR A 182 7.15 -6.40 -0.22
C THR A 182 6.43 -5.76 0.97
N PHE A 183 5.62 -6.56 1.66
CA PHE A 183 4.85 -6.08 2.80
C PHE A 183 5.72 -5.70 3.98
N LYS A 184 6.78 -6.46 4.23
CA LYS A 184 7.72 -6.09 5.29
C LYS A 184 8.24 -4.66 5.04
N VAL A 185 8.52 -4.36 3.78
CA VAL A 185 9.01 -3.04 3.39
C VAL A 185 7.91 -1.98 3.50
N ARG A 186 6.65 -2.38 3.25
CA ARG A 186 5.53 -1.45 3.37
C ARG A 186 5.48 -0.87 4.79
N SER A 187 5.57 -1.77 5.76
CA SER A 187 5.59 -1.39 7.17
C SER A 187 6.71 -0.43 7.42
N GLN A 188 7.87 -0.71 6.83
CA GLN A 188 9.02 0.18 6.99
C GLN A 188 8.78 1.56 6.41
N ILE A 189 7.99 1.64 5.35
CA ILE A 189 7.68 2.92 4.72
C ILE A 189 6.77 3.75 5.65
N LEU A 190 5.67 3.15 6.09
CA LEU A 190 4.75 3.83 6.99
C LEU A 190 5.51 4.28 8.23
N SER A 191 6.14 3.34 8.92
CA SER A 191 6.95 3.64 10.08
C SER A 191 7.88 4.85 9.81
N GLY A 192 8.49 4.87 8.64
CA GLY A 192 9.39 5.96 8.27
C GLY A 192 8.69 7.27 7.94
N ILE A 193 7.48 7.20 7.39
CA ILE A 193 6.69 8.40 7.13
C ILE A 193 6.34 9.05 8.47
N ARG A 194 5.77 8.27 9.39
CA ARG A 194 5.40 8.77 10.71
C ARG A 194 6.62 9.38 11.41
N GLN A 195 7.73 8.66 11.41
CA GLN A 195 8.95 9.16 12.02
C GLN A 195 9.30 10.53 11.43
N PHE A 196 9.18 10.64 10.11
CA PHE A 196 9.49 11.87 9.39
C PHE A 196 8.57 13.03 9.80
N MET A 197 7.26 12.79 9.77
CA MET A 197 6.28 13.81 10.10
C MET A 197 6.45 14.35 11.52
N VAL A 198 6.43 13.46 12.51
CA VAL A 198 6.59 13.83 13.91
C VAL A 198 7.87 14.66 14.13
N ASN A 199 8.91 14.36 13.36
CA ASN A 199 10.19 15.08 13.43
C ASN A 199 10.05 16.53 13.01
N ARG A 200 8.95 16.84 12.33
CA ARG A 200 8.63 18.19 11.91
C ARG A 200 7.41 18.69 12.66
N GLY A 201 7.17 18.11 13.83
CA GLY A 201 6.07 18.53 14.68
C GLY A 201 4.66 18.28 14.19
N PHE A 202 4.47 17.34 13.28
CA PHE A 202 3.11 17.04 12.89
C PHE A 202 2.55 16.06 13.88
N MET A 203 1.27 16.24 14.18
CA MET A 203 0.57 15.38 15.12
C MET A 203 -0.45 14.60 14.32
N GLU A 204 -0.52 13.30 14.58
CA GLU A 204 -1.40 12.42 13.83
C GLU A 204 -2.78 12.39 14.47
N VAL A 205 -3.82 12.51 13.65
CA VAL A 205 -5.19 12.46 14.17
C VAL A 205 -6.05 11.41 13.47
N GLU A 206 -7.22 11.15 14.03
CA GLU A 206 -8.13 10.19 13.45
C GLU A 206 -9.47 10.90 13.31
N THR A 207 -9.89 11.12 12.08
CA THR A 207 -11.18 11.73 11.82
C THR A 207 -12.10 10.58 11.38
N PRO A 208 -13.41 10.83 11.25
CA PRO A 208 -14.40 9.81 10.88
C PRO A 208 -14.18 9.09 9.56
N MET A 209 -14.70 7.85 9.47
CA MET A 209 -14.72 7.08 8.21
C MET A 209 -16.10 7.25 7.64
N MET A 210 -17.08 7.34 8.53
CA MET A 210 -18.45 7.57 8.13
C MET A 210 -18.65 9.07 8.23
N GLN A 211 -19.41 9.63 7.30
CA GLN A 211 -19.63 11.05 7.23
C GLN A 211 -21.03 11.31 6.71
N VAL A 212 -21.67 12.37 7.19
CA VAL A 212 -23.03 12.65 6.75
C VAL A 212 -23.02 13.20 5.33
N ILE A 213 -21.99 13.98 5.01
CA ILE A 213 -21.80 14.48 3.65
C ILE A 213 -20.36 14.11 3.26
N PRO A 214 -20.20 13.42 2.12
CA PRO A 214 -18.86 13.03 1.65
C PRO A 214 -18.20 14.15 0.82
N GLY A 215 -16.88 14.25 0.92
CA GLY A 215 -16.17 15.25 0.15
C GLY A 215 -14.68 15.26 0.43
N GLY A 216 -13.96 16.18 -0.22
CA GLY A 216 -12.52 16.30 -0.05
C GLY A 216 -11.74 15.66 -1.19
N ALA A 217 -12.48 15.30 -2.25
CA ALA A 217 -11.96 14.65 -3.45
C ALA A 217 -13.13 14.48 -4.44
N ALA A 218 -12.83 14.05 -5.66
CA ALA A 218 -13.86 13.80 -6.66
C ALA A 218 -13.99 12.29 -6.91
N ALA A 219 -15.12 11.72 -6.50
CA ALA A 219 -15.34 10.27 -6.62
C ALA A 219 -16.78 9.88 -6.26
N ARG A 220 -17.30 8.84 -6.91
CA ARG A 220 -18.62 8.30 -6.55
C ARG A 220 -18.38 7.61 -5.20
N PRO A 221 -19.20 7.90 -4.18
CA PRO A 221 -19.02 7.28 -2.87
C PRO A 221 -19.89 6.06 -2.50
N PHE A 222 -19.53 5.38 -1.41
CA PHE A 222 -20.26 4.24 -0.85
C PHE A 222 -21.26 4.75 0.19
N ILE A 223 -22.52 4.35 0.04
CA ILE A 223 -23.56 4.74 0.98
C ILE A 223 -23.81 3.58 1.95
N THR A 224 -24.04 3.92 3.21
CA THR A 224 -24.41 2.95 4.24
C THR A 224 -25.52 3.62 5.04
N HIS A 225 -26.26 2.88 5.84
CA HIS A 225 -27.31 3.48 6.63
C HIS A 225 -27.13 3.10 8.09
N HIS A 226 -27.16 4.11 8.97
CA HIS A 226 -27.13 3.82 10.41
C HIS A 226 -28.55 3.43 10.74
N ASN A 227 -28.77 2.14 11.01
CA ASN A 227 -30.11 1.61 11.31
C ASN A 227 -30.81 2.49 12.35
N ALA A 228 -30.21 2.61 13.53
CA ALA A 228 -30.75 3.39 14.64
C ALA A 228 -31.16 4.83 14.29
N LEU A 229 -30.19 5.67 13.96
CA LEU A 229 -30.45 7.08 13.65
C LEU A 229 -31.24 7.36 12.37
N ASP A 230 -31.74 6.32 11.72
CA ASP A 230 -32.56 6.49 10.51
C ASP A 230 -31.83 7.37 9.47
N LEU A 231 -30.50 7.40 9.56
CA LEU A 231 -29.71 8.30 8.72
C LEU A 231 -28.74 7.61 7.77
N ASP A 232 -28.77 8.03 6.51
CA ASP A 232 -27.79 7.58 5.55
C ASP A 232 -26.46 8.22 5.91
N MET A 233 -25.40 7.43 5.82
CA MET A 233 -24.04 7.91 6.06
C MET A 233 -23.25 7.56 4.81
N TYR A 234 -21.96 7.91 4.79
CA TYR A 234 -21.10 7.65 3.63
C TYR A 234 -19.73 7.23 4.08
N LEU A 235 -19.09 6.33 3.34
CA LEU A 235 -17.71 6.01 3.63
C LEU A 235 -16.96 7.22 3.08
N ARG A 236 -15.98 7.69 3.83
CA ARG A 236 -15.30 8.90 3.43
C ARG A 236 -14.50 8.69 2.15
N ILE A 237 -14.73 9.56 1.17
CA ILE A 237 -13.90 9.54 -0.03
C ILE A 237 -12.57 10.23 0.30
N ALA A 238 -12.58 11.07 1.33
CA ALA A 238 -11.40 11.77 1.85
C ALA A 238 -11.78 12.41 3.18
N PRO A 239 -10.81 12.66 4.05
CA PRO A 239 -11.02 13.30 5.35
C PRO A 239 -10.70 14.82 5.33
N GLU A 240 -10.36 15.36 4.15
CA GLU A 240 -9.92 16.75 4.01
C GLU A 240 -10.66 17.82 4.84
N LEU A 241 -11.97 17.94 4.64
CA LEU A 241 -12.77 18.94 5.33
C LEU A 241 -12.73 18.87 6.86
N TYR A 242 -12.64 17.65 7.42
CA TYR A 242 -12.55 17.49 8.87
C TYR A 242 -11.18 17.87 9.42
N LEU A 243 -10.15 17.56 8.64
CA LEU A 243 -8.79 17.91 9.02
C LEU A 243 -8.59 19.42 9.01
N LYS A 244 -9.30 20.11 8.12
CA LYS A 244 -9.19 21.56 8.05
C LYS A 244 -9.91 22.20 9.23
N ARG A 245 -11.01 21.57 9.68
CA ARG A 245 -11.70 21.99 10.90
C ARG A 245 -10.74 21.94 12.07
N LEU A 246 -9.88 20.93 12.10
CA LEU A 246 -8.92 20.83 13.19
C LEU A 246 -7.92 21.99 13.15
N VAL A 247 -7.65 22.52 11.95
CA VAL A 247 -6.76 23.68 11.79
C VAL A 247 -7.49 24.96 12.25
N VAL A 248 -8.79 25.06 11.94
CA VAL A 248 -9.64 26.13 12.48
C VAL A 248 -9.55 26.05 14.02
N GLY A 249 -9.73 24.86 14.56
CA GLY A 249 -9.62 24.64 15.99
C GLY A 249 -8.25 24.86 16.59
N GLY A 250 -7.23 25.05 15.74
CA GLY A 250 -5.91 25.35 16.27
C GLY A 250 -4.80 24.32 16.21
N PHE A 251 -5.09 23.13 15.68
CA PHE A 251 -4.05 22.13 15.41
C PHE A 251 -3.44 22.59 14.08
N GLU A 252 -2.30 23.25 14.16
CA GLU A 252 -1.71 23.89 13.01
C GLU A 252 -0.78 23.03 12.15
N ARG A 253 -0.56 21.80 12.60
CA ARG A 253 0.24 20.82 11.87
C ARG A 253 -0.26 19.40 12.15
N VAL A 254 -1.36 19.02 11.49
CA VAL A 254 -1.95 17.68 11.60
C VAL A 254 -1.70 16.84 10.35
N PHE A 255 -1.75 15.52 10.51
CA PHE A 255 -1.68 14.59 9.37
C PHE A 255 -2.44 13.33 9.76
N GLU A 256 -2.95 12.64 8.75
CA GLU A 256 -3.72 11.42 8.98
C GLU A 256 -3.45 10.43 7.85
N ILE A 257 -3.14 9.19 8.22
CA ILE A 257 -2.89 8.11 7.27
C ILE A 257 -3.97 7.05 7.44
N ASN A 258 -4.89 6.92 6.51
CA ASN A 258 -5.92 5.88 6.62
C ASN A 258 -6.76 5.77 5.34
N ARG A 259 -7.75 4.87 5.32
CA ARG A 259 -8.51 4.59 4.12
C ARG A 259 -9.31 5.72 3.53
N ASN A 260 -9.78 5.47 2.32
CA ASN A 260 -10.74 6.28 1.62
C ASN A 260 -11.47 5.22 0.85
N PHE A 261 -12.73 5.45 0.54
CA PHE A 261 -13.52 4.47 -0.16
C PHE A 261 -14.14 5.16 -1.33
N ARG A 262 -13.84 4.66 -2.53
CA ARG A 262 -14.36 5.23 -3.74
C ARG A 262 -15.06 4.11 -4.49
N ASN A 263 -16.36 4.27 -4.72
CA ASN A 263 -17.21 3.27 -5.38
C ASN A 263 -16.89 3.16 -6.87
N GLU A 264 -15.61 3.19 -7.21
CA GLU A 264 -15.12 3.07 -8.57
C GLU A 264 -15.08 1.57 -8.93
N GLY A 265 -14.31 1.23 -9.94
CA GLY A 265 -14.19 -0.16 -10.38
C GLY A 265 -12.83 -0.74 -10.04
N ILE A 266 -12.76 -2.06 -10.01
CA ILE A 266 -11.52 -2.77 -9.68
C ILE A 266 -10.61 -2.89 -10.90
N SER A 267 -10.19 -1.75 -11.43
CA SER A 267 -9.36 -1.76 -12.62
C SER A 267 -7.88 -1.81 -12.26
N VAL A 268 -7.45 -2.94 -11.71
CA VAL A 268 -6.03 -3.25 -11.41
C VAL A 268 -5.09 -2.20 -10.76
N ARG A 269 -5.04 -0.98 -11.28
CA ARG A 269 -4.28 0.11 -10.64
C ARG A 269 -5.18 0.85 -9.67
N HIS A 270 -6.36 0.28 -9.41
CA HIS A 270 -7.34 0.81 -8.48
C HIS A 270 -7.82 -0.31 -7.57
N ASN A 271 -8.24 0.08 -6.37
CA ASN A 271 -8.87 -0.82 -5.43
C ASN A 271 -9.93 0.06 -4.79
N PRO A 272 -11.17 -0.44 -4.59
CA PRO A 272 -12.22 0.39 -3.98
C PRO A 272 -11.86 1.02 -2.63
N GLU A 273 -10.92 0.44 -1.90
CA GLU A 273 -10.47 1.04 -0.65
C GLU A 273 -8.95 1.07 -0.56
N PHE A 274 -8.38 2.26 -0.48
CA PHE A 274 -6.93 2.42 -0.42
C PHE A 274 -6.43 3.36 0.68
N THR A 275 -5.12 3.37 0.90
CA THR A 275 -4.48 4.15 1.95
C THR A 275 -3.88 5.47 1.47
N MET A 276 -4.36 6.55 2.08
CA MET A 276 -3.91 7.89 1.77
C MET A 276 -3.39 8.62 3.02
N MET A 277 -2.40 9.48 2.84
CA MET A 277 -1.93 10.35 3.91
C MET A 277 -2.29 11.78 3.58
N GLU A 278 -2.93 12.48 4.51
CA GLU A 278 -3.13 13.92 4.36
C GLU A 278 -2.37 14.61 5.48
N LEU A 279 -1.79 15.75 5.16
CA LEU A 279 -1.08 16.51 6.17
C LEU A 279 -1.35 17.98 5.86
N TYR A 280 -1.53 18.76 6.91
CA TYR A 280 -1.81 20.18 6.78
C TYR A 280 -0.89 20.97 7.67
N MET A 281 -0.37 22.07 7.14
CA MET A 281 0.43 22.97 7.96
C MET A 281 0.05 24.42 7.68
N ALA A 282 -0.41 25.08 8.74
CA ALA A 282 -0.86 26.45 8.66
C ALA A 282 0.35 27.37 8.47
N TYR A 283 0.09 28.53 7.88
CA TYR A 283 1.08 29.56 7.60
C TYR A 283 2.17 29.03 6.68
N ALA A 284 1.72 28.46 5.56
CA ALA A 284 2.59 27.92 4.53
C ALA A 284 1.78 27.84 3.23
N ASP A 285 2.45 27.66 2.10
CA ASP A 285 1.77 27.52 0.80
C ASP A 285 2.17 26.24 0.08
N TYR A 286 1.60 26.01 -1.10
CA TYR A 286 1.89 24.79 -1.86
C TYR A 286 3.39 24.52 -2.06
N LYS A 287 4.16 25.57 -2.36
CA LYS A 287 5.62 25.44 -2.45
C LYS A 287 6.23 24.77 -1.21
N ASP A 288 5.91 25.26 -0.02
CA ASP A 288 6.44 24.66 1.20
C ASP A 288 6.20 23.16 1.23
N LEU A 289 5.10 22.72 0.62
CA LEU A 289 4.74 21.30 0.59
C LEU A 289 5.42 20.54 -0.54
N ILE A 290 5.58 21.19 -1.69
CA ILE A 290 6.36 20.63 -2.79
C ILE A 290 7.72 20.22 -2.22
N GLU A 291 8.39 21.18 -1.58
CA GLU A 291 9.68 20.95 -0.98
C GLU A 291 9.65 19.87 0.12
N LEU A 292 8.53 19.77 0.82
CA LEU A 292 8.39 18.73 1.86
C LEU A 292 8.35 17.35 1.20
N THR A 293 7.60 17.23 0.12
CA THR A 293 7.45 15.96 -0.62
C THR A 293 8.81 15.45 -1.09
N GLU A 294 9.60 16.35 -1.70
CA GLU A 294 10.96 16.02 -2.08
C GLU A 294 11.65 15.30 -0.92
N SER A 295 11.92 16.02 0.16
CA SER A 295 12.57 15.42 1.31
C SER A 295 11.94 14.11 1.72
N LEU A 296 10.61 14.01 1.67
CA LEU A 296 9.96 12.78 2.12
C LEU A 296 10.47 11.59 1.29
N PHE A 297 10.35 11.68 -0.02
CA PHE A 297 10.78 10.59 -0.89
C PHE A 297 12.30 10.39 -0.84
N ARG A 298 13.05 11.42 -1.17
CA ARG A 298 14.52 11.35 -1.15
C ARG A 298 15.03 10.76 0.19
N THR A 299 14.37 11.11 1.29
CA THR A 299 14.80 10.60 2.59
C THR A 299 14.38 9.15 2.81
N LEU A 300 13.15 8.81 2.43
CA LEU A 300 12.69 7.45 2.62
C LEU A 300 13.47 6.42 1.78
N ALA A 301 13.68 6.73 0.49
CA ALA A 301 14.45 5.87 -0.41
C ALA A 301 15.82 5.57 0.18
N GLN A 302 16.53 6.62 0.58
CA GLN A 302 17.85 6.50 1.19
C GLN A 302 17.80 5.57 2.41
N ASP A 303 16.84 5.79 3.30
CA ASP A 303 16.75 5.03 4.54
C ASP A 303 16.29 3.62 4.32
N ILE A 304 15.25 3.44 3.53
CA ILE A 304 14.66 2.14 3.33
C ILE A 304 15.36 1.31 2.25
N LEU A 305 15.88 1.98 1.22
CA LEU A 305 16.50 1.28 0.08
C LEU A 305 17.99 1.48 -0.08
N GLY A 306 18.60 2.25 0.82
CA GLY A 306 20.04 2.48 0.76
C GLY A 306 20.52 3.41 -0.35
N LYS A 307 19.94 3.30 -1.54
CA LYS A 307 20.36 4.09 -2.68
C LYS A 307 19.32 5.14 -3.06
N THR A 308 19.74 6.17 -3.77
CA THR A 308 18.85 7.21 -4.27
C THR A 308 18.40 6.91 -5.70
N GLU A 309 19.28 6.25 -6.46
CA GLU A 309 18.93 5.77 -7.79
C GLU A 309 18.19 4.46 -7.51
N VAL A 310 16.93 4.37 -7.95
CA VAL A 310 16.09 3.20 -7.64
C VAL A 310 15.45 2.57 -8.88
N THR A 311 15.65 1.26 -9.06
CA THR A 311 15.17 0.54 -10.25
C THR A 311 13.69 0.21 -10.15
N TYR A 312 12.91 0.65 -11.15
CA TYR A 312 11.48 0.35 -11.20
C TYR A 312 11.13 -0.12 -12.62
N GLY A 313 10.98 -1.43 -12.80
CA GLY A 313 10.70 -1.97 -14.12
C GLY A 313 11.85 -1.66 -15.07
N ASP A 314 11.53 -1.02 -16.21
CA ASP A 314 12.51 -0.68 -17.26
C ASP A 314 13.36 0.55 -16.98
N VAL A 315 12.97 1.36 -16.00
CA VAL A 315 13.65 2.62 -15.76
C VAL A 315 14.33 2.67 -14.42
N THR A 316 15.27 3.60 -14.28
CA THR A 316 15.93 3.87 -13.01
C THR A 316 15.44 5.24 -12.54
N LEU A 317 14.65 5.24 -11.46
CA LEU A 317 14.09 6.45 -10.88
C LEU A 317 15.13 7.18 -10.04
N ASP A 318 15.55 8.34 -10.52
CA ASP A 318 16.58 9.11 -9.86
C ASP A 318 16.03 10.04 -8.78
N PHE A 319 15.92 9.54 -7.55
CA PHE A 319 15.44 10.36 -6.45
C PHE A 319 16.53 11.29 -5.93
N GLY A 320 17.71 11.22 -6.54
CA GLY A 320 18.82 12.04 -6.11
C GLY A 320 18.89 13.40 -6.79
N LYS A 321 18.56 13.45 -8.08
CA LYS A 321 18.56 14.71 -8.80
C LYS A 321 17.26 15.41 -8.40
N PRO A 322 17.32 16.75 -8.21
CA PRO A 322 16.15 17.54 -7.85
C PRO A 322 14.96 17.23 -8.74
N PHE A 323 13.82 16.96 -8.11
CA PHE A 323 12.57 16.64 -8.83
C PHE A 323 12.29 17.75 -9.85
N GLU A 324 11.76 17.39 -11.00
CA GLU A 324 11.47 18.37 -12.03
C GLU A 324 10.17 19.10 -11.71
N LYS A 325 10.11 20.38 -12.08
CA LYS A 325 8.94 21.24 -11.86
C LYS A 325 8.45 21.87 -13.16
N LEU A 326 7.21 21.61 -13.55
CA LEU A 326 6.60 22.22 -14.73
C LEU A 326 5.21 22.70 -14.42
N THR A 327 4.78 23.81 -15.01
CA THR A 327 3.39 24.20 -14.86
C THR A 327 2.66 23.32 -15.85
N MET A 328 1.33 23.26 -15.73
CA MET A 328 0.55 22.51 -16.67
C MET A 328 0.71 23.05 -18.10
N ARG A 329 0.69 24.37 -18.25
CA ARG A 329 0.83 24.95 -19.59
C ARG A 329 2.18 24.51 -20.19
N GLU A 330 3.22 24.60 -19.38
CA GLU A 330 4.54 24.16 -19.81
C GLU A 330 4.49 22.71 -20.27
N ALA A 331 3.99 21.81 -19.42
CA ALA A 331 3.88 20.39 -19.74
C ALA A 331 3.12 20.14 -21.05
N ILE A 332 2.01 20.84 -21.25
CA ILE A 332 1.25 20.68 -22.49
C ILE A 332 2.13 21.00 -23.70
N LYS A 333 2.88 22.11 -23.62
CA LYS A 333 3.74 22.53 -24.72
C LYS A 333 4.95 21.63 -24.90
N LYS A 334 5.44 21.06 -23.82
CA LYS A 334 6.60 20.18 -23.90
C LYS A 334 6.30 18.85 -24.58
N TYR A 335 5.12 18.29 -24.36
CA TYR A 335 4.79 16.99 -24.89
C TYR A 335 3.86 17.01 -26.10
N ARG A 336 3.41 18.20 -26.47
CA ARG A 336 2.73 18.37 -27.73
C ARG A 336 3.27 19.68 -28.29
N PRO A 337 4.53 19.68 -28.77
CA PRO A 337 5.23 20.86 -29.29
C PRO A 337 4.54 21.65 -30.40
N GLU A 338 3.74 21.00 -31.23
CA GLU A 338 3.08 21.71 -32.32
C GLU A 338 1.93 22.59 -31.83
N THR A 339 1.70 22.56 -30.52
CA THR A 339 0.58 23.26 -29.94
C THR A 339 0.70 24.78 -29.89
N ASP A 340 -0.28 25.45 -30.49
CA ASP A 340 -0.37 26.90 -30.45
C ASP A 340 -1.09 27.22 -29.13
N MET A 341 -0.32 27.60 -28.11
CA MET A 341 -0.83 27.88 -26.77
C MET A 341 -2.01 28.85 -26.77
N ALA A 342 -2.03 29.76 -27.74
CA ALA A 342 -3.12 30.72 -27.87
C ALA A 342 -4.50 30.06 -27.99
N ASP A 343 -4.54 28.84 -28.52
CA ASP A 343 -5.81 28.12 -28.68
C ASP A 343 -6.33 27.61 -27.33
N LEU A 344 -5.43 27.55 -26.35
CA LEU A 344 -5.77 27.08 -25.01
C LEU A 344 -6.49 28.15 -24.15
N ASP A 345 -6.57 29.37 -24.67
CA ASP A 345 -7.22 30.48 -23.98
C ASP A 345 -8.67 30.65 -24.44
N ASN A 346 -9.00 29.97 -25.53
CA ASN A 346 -10.31 30.07 -26.15
C ASN A 346 -11.02 28.71 -25.98
N PHE A 347 -12.35 28.73 -25.78
CA PHE A 347 -13.12 27.49 -25.54
C PHE A 347 -13.29 26.55 -26.74
N ASP A 348 -13.67 27.09 -27.89
CA ASP A 348 -13.88 26.27 -29.08
C ASP A 348 -12.61 25.61 -29.63
N SER A 349 -11.53 26.37 -29.67
CA SER A 349 -10.25 25.87 -30.18
C SER A 349 -9.62 24.86 -29.21
N ALA A 350 -9.79 25.09 -27.90
CA ALA A 350 -9.27 24.18 -26.88
C ALA A 350 -10.05 22.86 -26.87
N LYS A 351 -11.35 22.93 -27.20
CA LYS A 351 -12.18 21.74 -27.34
C LYS A 351 -11.79 20.99 -28.63
N ALA A 352 -11.47 21.76 -29.67
CA ALA A 352 -11.01 21.22 -30.95
C ALA A 352 -9.75 20.40 -30.72
N ILE A 353 -8.77 20.98 -30.05
CA ILE A 353 -7.53 20.30 -29.74
C ILE A 353 -7.79 19.04 -28.95
N ALA A 354 -8.58 19.17 -27.88
CA ALA A 354 -8.89 18.04 -27.01
C ALA A 354 -9.49 16.88 -27.81
N GLU A 355 -10.43 17.20 -28.69
CA GLU A 355 -11.04 16.19 -29.53
C GLU A 355 -10.13 15.70 -30.65
N SER A 356 -9.22 16.54 -31.12
CA SER A 356 -8.26 16.12 -32.15
C SER A 356 -7.27 15.09 -31.60
N ILE A 357 -7.02 15.09 -30.29
CA ILE A 357 -6.18 14.06 -29.69
C ILE A 357 -7.00 12.92 -29.08
N GLY A 358 -8.27 12.89 -29.45
CA GLY A 358 -9.15 11.80 -29.06
C GLY A 358 -9.76 11.81 -27.67
N ILE A 359 -10.11 12.99 -27.17
CA ILE A 359 -10.76 13.09 -25.86
C ILE A 359 -12.22 13.46 -26.10
N HIS A 360 -13.11 12.71 -25.49
CA HIS A 360 -14.52 13.03 -25.61
C HIS A 360 -14.85 14.12 -24.59
N VAL A 361 -15.25 15.30 -25.07
CA VAL A 361 -15.54 16.44 -24.19
C VAL A 361 -16.96 16.38 -23.62
N GLU A 362 -17.09 16.24 -22.29
CA GLU A 362 -18.39 16.16 -21.63
C GLU A 362 -19.17 17.47 -21.77
N LYS A 363 -20.50 17.37 -21.87
CA LYS A 363 -21.35 18.57 -22.00
C LYS A 363 -21.14 19.57 -20.83
N SER A 364 -20.79 19.05 -19.65
CA SER A 364 -20.59 19.88 -18.45
C SER A 364 -19.21 20.51 -18.32
N TRP A 365 -18.32 20.27 -19.27
CA TRP A 365 -16.95 20.78 -19.15
C TRP A 365 -16.77 22.21 -19.57
N GLY A 366 -16.00 22.95 -18.78
CA GLY A 366 -15.62 24.30 -19.14
C GLY A 366 -14.16 24.30 -19.58
N LEU A 367 -13.68 25.44 -20.07
CA LEU A 367 -12.31 25.53 -20.57
C LEU A 367 -11.22 24.91 -19.68
N GLY A 368 -11.22 25.27 -18.40
CA GLY A 368 -10.23 24.73 -17.50
C GLY A 368 -10.22 23.23 -17.40
N ARG A 369 -11.40 22.60 -17.48
CA ARG A 369 -11.50 21.15 -17.44
C ARG A 369 -10.91 20.58 -18.72
N ILE A 370 -11.28 21.19 -19.85
CA ILE A 370 -10.75 20.77 -21.14
C ILE A 370 -9.22 20.82 -21.16
N VAL A 371 -8.64 21.92 -20.70
CA VAL A 371 -7.20 22.07 -20.66
C VAL A 371 -6.60 21.04 -19.73
N THR A 372 -7.19 20.88 -18.55
CA THR A 372 -6.67 19.90 -17.60
C THR A 372 -6.65 18.51 -18.25
N GLU A 373 -7.71 18.16 -18.97
CA GLU A 373 -7.82 16.88 -19.68
C GLU A 373 -6.70 16.75 -20.70
N ILE A 374 -6.59 17.74 -21.58
CA ILE A 374 -5.51 17.75 -22.55
C ILE A 374 -4.19 17.46 -21.86
N PHE A 375 -3.87 18.18 -20.79
CA PHE A 375 -2.66 17.89 -20.04
C PHE A 375 -2.59 16.40 -19.67
N GLU A 376 -3.65 15.88 -19.03
CA GLU A 376 -3.73 14.48 -18.58
C GLU A 376 -3.24 13.56 -19.70
N GLU A 377 -3.90 13.67 -20.86
CA GLU A 377 -3.62 12.88 -22.05
C GLU A 377 -2.17 13.02 -22.57
N VAL A 378 -1.88 14.16 -23.16
CA VAL A 378 -0.57 14.47 -23.73
C VAL A 378 0.66 14.28 -22.82
N ALA A 379 0.52 14.40 -21.50
CA ALA A 379 1.72 14.44 -20.67
C ALA A 379 1.93 13.45 -19.53
N GLU A 380 0.84 13.06 -18.86
CA GLU A 380 0.95 12.24 -17.67
C GLU A 380 1.88 11.06 -17.80
N ALA A 381 1.74 10.31 -18.89
CA ALA A 381 2.47 9.06 -19.12
C ALA A 381 3.98 9.29 -19.21
N HIS A 382 4.37 10.49 -19.67
CA HIS A 382 5.78 10.79 -19.87
C HIS A 382 6.49 11.23 -18.60
N LEU A 383 5.72 11.53 -17.57
CA LEU A 383 6.31 11.95 -16.30
C LEU A 383 6.76 10.69 -15.59
N ILE A 384 7.97 10.27 -15.91
CA ILE A 384 8.51 9.04 -15.37
C ILE A 384 9.33 9.37 -14.13
N GLN A 385 10.20 10.34 -14.27
CA GLN A 385 11.01 10.79 -13.14
C GLN A 385 10.13 11.63 -12.22
N PRO A 386 10.44 11.69 -10.91
CA PRO A 386 9.66 12.47 -9.96
C PRO A 386 9.40 13.89 -10.52
N THR A 387 8.14 14.21 -10.75
CA THR A 387 7.75 15.48 -11.36
C THR A 387 6.56 16.18 -10.69
N PHE A 388 6.66 17.50 -10.54
CA PHE A 388 5.57 18.31 -9.99
C PHE A 388 4.95 19.12 -11.11
N ILE A 389 3.64 19.00 -11.31
CA ILE A 389 2.95 19.88 -12.25
C ILE A 389 2.16 20.92 -11.45
N THR A 390 2.30 22.20 -11.79
CA THR A 390 1.67 23.29 -11.06
C THR A 390 0.68 24.14 -11.86
N GLU A 391 -0.08 24.94 -11.14
CA GLU A 391 -1.00 25.91 -11.72
C GLU A 391 -2.15 25.32 -12.51
N TYR A 392 -3.16 24.89 -11.76
CA TYR A 392 -4.35 24.28 -12.33
C TYR A 392 -5.50 25.25 -12.45
N PRO A 393 -6.27 25.16 -13.54
CA PRO A 393 -7.43 26.04 -13.72
C PRO A 393 -8.31 25.93 -12.49
N ALA A 394 -8.98 27.01 -12.13
CA ALA A 394 -9.83 27.00 -10.94
C ALA A 394 -10.90 25.90 -10.99
N GLU A 395 -11.55 25.78 -12.14
CA GLU A 395 -12.64 24.85 -12.34
C GLU A 395 -12.39 23.48 -11.74
N VAL A 396 -11.19 22.95 -11.98
CA VAL A 396 -10.83 21.62 -11.53
C VAL A 396 -10.18 21.61 -10.13
N SER A 397 -10.19 22.75 -9.46
CA SER A 397 -9.58 22.86 -8.14
C SER A 397 -10.53 23.58 -7.17
N PRO A 398 -11.61 22.89 -6.74
CA PRO A 398 -12.64 23.50 -5.87
C PRO A 398 -12.28 23.89 -4.43
N LEU A 399 -11.15 23.41 -3.92
CA LEU A 399 -10.76 23.67 -2.54
C LEU A 399 -9.40 24.38 -2.46
N ALA A 400 -8.99 24.97 -3.57
CA ALA A 400 -7.67 25.59 -3.64
C ALA A 400 -7.73 27.10 -3.78
N ARG A 401 -6.80 27.75 -3.10
CA ARG A 401 -6.66 29.20 -3.08
C ARG A 401 -6.42 29.73 -4.47
N ARG A 402 -7.08 30.82 -4.83
CA ARG A 402 -6.85 31.44 -6.13
C ARG A 402 -5.48 32.07 -6.16
N ASN A 403 -4.91 32.18 -7.35
CA ASN A 403 -3.63 32.85 -7.53
C ASN A 403 -3.87 34.37 -7.52
N ASP A 404 -2.98 35.10 -6.84
CA ASP A 404 -3.10 36.55 -6.68
C ASP A 404 -3.15 37.27 -8.02
N VAL A 405 -2.15 36.99 -8.86
CA VAL A 405 -2.00 37.64 -10.16
C VAL A 405 -2.99 37.12 -11.20
N ASN A 406 -3.31 35.83 -11.12
CA ASN A 406 -4.27 35.26 -12.06
C ASN A 406 -5.30 34.39 -11.34
N PRO A 407 -6.46 34.98 -11.00
CA PRO A 407 -7.56 34.31 -10.31
C PRO A 407 -8.10 33.09 -11.05
N GLU A 408 -7.93 33.07 -12.38
CA GLU A 408 -8.36 31.96 -13.22
C GLU A 408 -7.62 30.65 -12.97
N ILE A 409 -6.49 30.71 -12.27
CA ILE A 409 -5.80 29.50 -11.84
C ILE A 409 -5.63 29.48 -10.33
N THR A 410 -5.31 28.32 -9.79
CA THR A 410 -5.20 28.16 -8.34
C THR A 410 -3.82 27.69 -7.96
N ASP A 411 -3.36 28.04 -6.74
CA ASP A 411 -2.04 27.66 -6.25
C ASP A 411 -2.01 26.17 -5.90
N ARG A 412 -2.06 25.35 -6.95
CA ARG A 412 -2.20 23.90 -6.83
C ARG A 412 -1.15 23.10 -7.58
N PHE A 413 -0.81 21.92 -7.06
CA PHE A 413 0.15 21.07 -7.72
C PHE A 413 -0.21 19.59 -7.64
N GLU A 414 0.14 18.86 -8.69
CA GLU A 414 0.08 17.39 -8.65
C GLU A 414 1.53 16.87 -8.68
N PHE A 415 1.71 15.60 -8.32
CA PHE A 415 3.04 15.04 -8.25
C PHE A 415 3.01 13.67 -8.90
N PHE A 416 3.97 13.41 -9.78
CA PHE A 416 3.98 12.19 -10.60
C PHE A 416 5.30 11.43 -10.59
N ILE A 417 5.23 10.13 -10.39
CA ILE A 417 6.40 9.28 -10.57
C ILE A 417 5.95 8.05 -11.35
N GLY A 418 6.70 7.72 -12.40
CA GLY A 418 6.37 6.57 -13.23
C GLY A 418 5.06 6.70 -13.99
N GLY A 419 4.81 7.86 -14.55
CA GLY A 419 3.61 8.05 -15.35
C GLY A 419 2.34 7.92 -14.54
N ARG A 420 2.49 7.92 -13.22
CA ARG A 420 1.35 7.86 -12.30
C ARG A 420 1.35 9.04 -11.31
N GLU A 421 0.17 9.38 -10.79
CA GLU A 421 0.01 10.45 -9.78
C GLU A 421 0.24 9.90 -8.38
N ILE A 422 1.30 10.37 -7.73
CA ILE A 422 1.65 9.90 -6.41
C ILE A 422 1.23 10.94 -5.36
N GLY A 423 1.03 12.18 -5.78
CA GLY A 423 0.70 13.24 -4.83
C GLY A 423 -0.26 14.30 -5.33
N ASN A 424 -0.68 15.17 -4.41
CA ASN A 424 -1.64 16.23 -4.69
C ASN A 424 -1.58 17.23 -3.53
N GLY A 425 -1.47 18.51 -3.85
CA GLY A 425 -1.40 19.52 -2.80
C GLY A 425 -1.71 20.93 -3.27
N PHE A 426 -2.24 21.76 -2.37
CA PHE A 426 -2.49 23.17 -2.67
C PHE A 426 -2.52 24.12 -1.49
N SER A 427 -2.39 25.41 -1.79
CA SER A 427 -2.60 26.45 -0.81
C SER A 427 -4.12 26.37 -0.61
N GLU A 428 -4.55 26.16 0.63
CA GLU A 428 -5.97 25.97 0.97
C GLU A 428 -6.87 27.20 0.79
N LEU A 429 -8.05 26.99 0.20
CA LEU A 429 -9.04 28.06 0.07
C LEU A 429 -9.64 28.29 1.46
N ASN A 430 -9.40 29.47 2.04
CA ASN A 430 -9.99 29.83 3.33
C ASN A 430 -10.96 30.99 3.16
N ASP A 431 -11.30 31.27 1.91
CA ASP A 431 -12.31 32.28 1.61
C ASP A 431 -13.65 31.57 1.58
N ALA A 432 -14.36 31.64 2.70
CA ALA A 432 -15.66 30.97 2.83
C ALA A 432 -16.68 31.35 1.77
N GLU A 433 -16.75 32.62 1.39
CA GLU A 433 -17.73 33.06 0.41
C GLU A 433 -17.47 32.43 -0.94
N ASP A 434 -16.20 32.24 -1.26
CA ASP A 434 -15.76 31.67 -2.52
C ASP A 434 -15.96 30.17 -2.47
N GLN A 435 -15.54 29.57 -1.36
CA GLN A 435 -15.70 28.13 -1.10
C GLN A 435 -17.15 27.68 -1.27
N ALA A 436 -18.08 28.48 -0.79
CA ALA A 436 -19.50 28.17 -0.93
C ALA A 436 -19.94 28.27 -2.38
N GLN A 437 -19.39 29.22 -3.11
CA GLN A 437 -19.74 29.39 -4.52
C GLN A 437 -19.20 28.23 -5.37
N ARG A 438 -17.97 27.79 -5.08
CA ARG A 438 -17.40 26.65 -5.77
C ARG A 438 -18.21 25.36 -5.52
N PHE A 439 -18.85 25.27 -4.34
CA PHE A 439 -19.72 24.14 -4.02
C PHE A 439 -20.94 24.18 -4.93
N LEU A 440 -21.52 25.36 -5.10
CA LEU A 440 -22.67 25.51 -6.00
C LEU A 440 -22.27 25.06 -7.39
N ASP A 441 -21.04 25.40 -7.79
CA ASP A 441 -20.48 24.97 -9.06
C ASP A 441 -20.43 23.44 -9.12
N GLN A 442 -19.77 22.82 -8.14
CA GLN A 442 -19.71 21.36 -8.03
C GLN A 442 -21.11 20.72 -8.05
N VAL A 443 -22.07 21.33 -7.37
CA VAL A 443 -23.44 20.86 -7.35
C VAL A 443 -24.08 20.99 -8.74
N ALA A 444 -23.69 22.03 -9.47
CA ALA A 444 -24.19 22.22 -10.83
C ALA A 444 -23.67 21.13 -11.77
N ALA A 445 -22.36 20.89 -11.69
CA ALA A 445 -21.70 19.86 -12.49
C ALA A 445 -22.27 18.48 -12.18
N LYS A 446 -22.62 18.24 -10.92
CA LYS A 446 -23.22 16.97 -10.53
C LYS A 446 -24.56 16.79 -11.21
N ASP A 447 -25.41 17.80 -11.12
CA ASP A 447 -26.70 17.76 -11.79
C ASP A 447 -26.53 17.65 -13.31
N ALA A 448 -25.45 18.23 -13.82
CA ALA A 448 -25.16 18.26 -15.26
C ALA A 448 -24.54 17.00 -15.86
N GLY A 449 -24.21 16.01 -15.03
CA GLY A 449 -23.67 14.77 -15.55
C GLY A 449 -22.43 14.17 -14.89
N ASP A 450 -21.78 14.93 -14.01
CA ASP A 450 -20.55 14.48 -13.36
C ASP A 450 -20.79 13.62 -12.10
N ASP A 451 -20.67 12.30 -12.24
CA ASP A 451 -20.84 11.37 -11.11
C ASP A 451 -19.75 11.53 -10.06
N GLU A 452 -18.77 12.39 -10.32
CA GLU A 452 -17.65 12.61 -9.40
C GLU A 452 -17.60 13.99 -8.77
N ALA A 453 -18.61 14.83 -9.04
CA ALA A 453 -18.62 16.18 -8.50
C ALA A 453 -18.85 16.18 -6.97
N MET A 454 -18.60 17.32 -6.34
CA MET A 454 -18.77 17.47 -4.89
C MET A 454 -20.17 17.87 -4.43
N PHE A 455 -20.48 17.44 -3.21
CA PHE A 455 -21.74 17.79 -2.54
C PHE A 455 -21.52 19.16 -1.89
N TYR A 456 -22.59 19.93 -1.72
CA TYR A 456 -22.50 21.20 -0.98
C TYR A 456 -22.37 20.81 0.51
N ASP A 457 -21.47 21.46 1.25
CA ASP A 457 -21.29 21.17 2.67
C ASP A 457 -21.37 22.43 3.58
N GLU A 458 -22.59 22.72 4.03
CA GLU A 458 -22.87 23.87 4.91
C GLU A 458 -21.98 23.97 6.15
N ASP A 459 -21.94 22.89 6.92
CA ASP A 459 -21.14 22.82 8.14
C ASP A 459 -19.69 23.23 7.90
N TYR A 460 -19.21 22.98 6.69
CA TYR A 460 -17.83 23.32 6.34
C TYR A 460 -17.69 24.82 6.04
N VAL A 461 -18.64 25.35 5.26
CA VAL A 461 -18.65 26.79 4.96
C VAL A 461 -18.61 27.54 6.29
N THR A 462 -19.40 27.05 7.24
CA THR A 462 -19.49 27.61 8.59
C THR A 462 -18.13 27.56 9.30
N ALA A 463 -17.51 26.39 9.32
CA ALA A 463 -16.20 26.22 9.96
C ALA A 463 -15.20 27.24 9.42
N LEU A 464 -15.29 27.50 8.12
CA LEU A 464 -14.41 28.46 7.48
C LEU A 464 -14.75 29.87 7.94
N GLU A 465 -16.05 30.16 8.04
CA GLU A 465 -16.53 31.46 8.53
C GLU A 465 -15.95 31.81 9.89
N HIS A 466 -15.72 30.82 10.74
CA HIS A 466 -15.07 31.08 12.00
C HIS A 466 -13.60 31.39 11.83
N GLY A 467 -13.09 31.11 10.64
CA GLY A 467 -11.71 31.44 10.32
C GLY A 467 -10.74 30.28 10.24
N LEU A 468 -10.28 30.04 9.04
CA LEU A 468 -9.24 29.06 8.76
C LEU A 468 -7.99 29.86 8.43
N PRO A 469 -6.92 29.65 9.20
CA PRO A 469 -5.65 30.35 8.95
C PRO A 469 -5.17 30.03 7.53
N PRO A 470 -4.21 30.79 6.98
CA PRO A 470 -3.74 30.42 5.65
C PRO A 470 -3.02 29.08 5.86
N THR A 471 -3.28 28.10 4.99
CA THR A 471 -2.74 26.78 5.19
C THR A 471 -2.40 26.09 3.88
N ALA A 472 -1.50 25.12 3.94
CA ALA A 472 -1.17 24.31 2.77
C ALA A 472 -1.41 22.85 3.15
N GLY A 473 -2.13 22.13 2.29
CA GLY A 473 -2.39 20.73 2.54
C GLY A 473 -1.82 19.82 1.47
N LEU A 474 -1.40 18.62 1.87
CA LEU A 474 -0.80 17.64 0.99
C LEU A 474 -1.42 16.25 1.15
N GLY A 475 -1.81 15.65 0.04
CA GLY A 475 -2.29 14.27 0.02
C GLY A 475 -1.31 13.39 -0.74
N ILE A 476 -1.13 12.15 -0.28
CA ILE A 476 -0.17 11.22 -0.88
C ILE A 476 -0.70 9.78 -0.90
N GLY A 477 -0.70 9.17 -2.08
CA GLY A 477 -1.16 7.78 -2.21
C GLY A 477 -0.12 6.81 -1.66
N ILE A 478 -0.39 6.28 -0.47
CA ILE A 478 0.57 5.40 0.18
C ILE A 478 0.85 4.12 -0.62
N ASP A 479 -0.18 3.51 -1.19
CA ASP A 479 -0.03 2.27 -1.95
C ASP A 479 0.91 2.44 -3.14
N ARG A 480 0.60 3.42 -3.99
CA ARG A 480 1.43 3.72 -5.15
C ARG A 480 2.86 4.05 -4.75
N MET A 481 3.03 4.63 -3.57
CA MET A 481 4.37 4.95 -3.11
C MET A 481 5.13 3.64 -2.84
N VAL A 482 4.44 2.68 -2.23
CA VAL A 482 5.05 1.40 -1.91
C VAL A 482 5.43 0.67 -3.20
N MET A 483 4.51 0.65 -4.17
CA MET A 483 4.78 0.07 -5.49
C MET A 483 6.15 0.51 -6.00
N LEU A 484 6.32 1.81 -6.19
CA LEU A 484 7.60 2.35 -6.61
C LEU A 484 8.77 1.97 -5.69
N PHE A 485 8.51 1.64 -4.43
CA PHE A 485 9.59 1.30 -3.50
C PHE A 485 9.93 -0.19 -3.47
N THR A 486 8.99 -1.02 -3.92
CA THR A 486 9.16 -2.49 -3.95
C THR A 486 9.14 -3.11 -5.36
N ASN A 487 9.08 -2.27 -6.40
CA ASN A 487 9.08 -2.73 -7.78
C ASN A 487 7.81 -3.49 -8.15
N SER A 488 6.72 -3.23 -7.45
CA SER A 488 5.46 -3.86 -7.78
C SER A 488 4.87 -3.04 -8.92
N HIS A 489 4.12 -3.68 -9.82
CA HIS A 489 3.58 -2.94 -10.97
C HIS A 489 2.06 -3.02 -11.09
N THR A 490 1.44 -3.51 -10.03
CA THR A 490 -0.01 -3.49 -9.88
C THR A 490 -0.21 -3.13 -8.41
N ILE A 491 -1.26 -2.38 -8.09
CA ILE A 491 -1.56 -2.00 -6.70
C ILE A 491 -1.91 -3.24 -5.86
N ARG A 492 -2.49 -4.25 -6.49
CA ARG A 492 -2.82 -5.52 -5.84
C ARG A 492 -1.61 -6.27 -5.29
N ASP A 493 -0.40 -5.77 -5.55
CA ASP A 493 0.83 -6.37 -5.02
C ASP A 493 1.23 -5.70 -3.69
N VAL A 494 0.60 -4.56 -3.38
CA VAL A 494 0.91 -3.80 -2.15
C VAL A 494 -0.26 -3.81 -1.14
N ILE A 495 -1.38 -4.44 -1.51
CA ILE A 495 -2.54 -4.59 -0.65
C ILE A 495 -2.76 -6.05 -0.22
N LEU A 496 -2.51 -6.37 1.06
CA LEU A 496 -2.66 -7.74 1.52
C LEU A 496 -3.93 -8.47 1.11
N PHE A 497 -5.05 -7.77 0.97
CA PHE A 497 -6.30 -8.44 0.60
C PHE A 497 -7.09 -7.60 -0.39
N PRO A 498 -6.63 -7.56 -1.64
CA PRO A 498 -7.31 -6.77 -2.66
C PRO A 498 -8.76 -7.22 -2.82
N ALA A 499 -9.61 -6.34 -3.32
CA ALA A 499 -11.01 -6.69 -3.54
C ALA A 499 -11.09 -7.48 -4.84
N MET A 500 -11.50 -8.74 -4.74
CA MET A 500 -11.57 -9.62 -5.90
C MET A 500 -13.01 -9.74 -6.44
N ARG A 501 -13.16 -9.74 -7.77
CA ARG A 501 -14.48 -9.92 -8.39
C ARG A 501 -14.94 -11.36 -8.10
N PRO A 502 -16.21 -11.54 -7.68
CA PRO A 502 -16.74 -12.87 -7.37
C PRO A 502 -16.61 -13.86 -8.54
#